data_1AQV
#
_entry.id   1AQV
#
_cell.length_a   80.660
_cell.length_b   90.070
_cell.length_c   69.570
_cell.angle_alpha   90.00
_cell.angle_beta   99.19
_cell.angle_gamma   90.00
#
_symmetry.space_group_name_H-M   'C 1 2 1'
#
loop_
_entity.id
_entity.type
_entity.pdbx_description
1 polymer 'GLUTATHIONE S-TRANSFERASE'
2 non-polymer N-[(4S)-4-ammonio-4-carboxybutanoyl]-S-(4-bromobenzyl)-L-cysteinylglycine
3 non-polymer '2-(N-MORPHOLINO)-ETHANESULFONIC ACID'
4 water water
#
_entity_poly.entity_id   1
_entity_poly.type   'polypeptide(L)'
_entity_poly.pdbx_seq_one_letter_code
;PPYTVVYFPVRGRCAALRMLLADQGQSWKEEVVTVETWQEGSLKASCLYGQLPKFQDGDLTLYQSNTILRHLGRTLGLYG
KDQQEAALVDMVNDGVEDLRCKYISLIYTNYEAGKDDYVKALPGQLKPFETLLSQNQGGKTFIVGDQISFADYNLLDLLL
IHEVLAPGCLDAFPLLSAYVGRLSARPKLKAFLASPEYVNLPINGNGKQ
;
_entity_poly.pdbx_strand_id   A,B
#
# COMPACT_ATOMS: atom_id res chain seq x y z
N PRO A 1 8.29 2.91 -21.67
CA PRO A 1 7.23 3.07 -22.70
C PRO A 1 7.44 2.01 -23.77
N PRO A 2 6.48 1.85 -24.69
CA PRO A 2 5.23 2.63 -24.72
C PRO A 2 4.32 1.99 -23.67
N TYR A 3 3.27 2.69 -23.28
CA TYR A 3 2.41 2.18 -22.25
C TYR A 3 1.00 1.82 -22.67
N THR A 4 0.38 0.94 -21.87
CA THR A 4 -0.99 0.51 -22.08
C THR A 4 -1.59 0.36 -20.70
N VAL A 5 -2.82 0.83 -20.55
CA VAL A 5 -3.52 0.76 -19.30
C VAL A 5 -4.73 -0.06 -19.64
N VAL A 6 -5.09 -0.99 -18.76
CA VAL A 6 -6.26 -1.84 -18.99
C VAL A 6 -7.13 -1.67 -17.76
N TYR A 7 -8.38 -1.27 -17.97
CA TYR A 7 -9.26 -1.00 -16.85
C TYR A 7 -10.69 -0.80 -17.32
N PHE A 8 -11.60 -0.69 -16.35
CA PHE A 8 -13.01 -0.45 -16.58
C PHE A 8 -13.18 1.01 -17.02
N PRO A 9 -14.32 1.33 -17.65
CA PRO A 9 -14.52 2.71 -18.09
C PRO A 9 -14.96 3.67 -16.96
N VAL A 10 -14.08 3.84 -15.96
CA VAL A 10 -14.33 4.75 -14.82
C VAL A 10 -13.00 5.43 -14.48
N ARG A 11 -13.01 6.39 -13.57
CA ARG A 11 -11.74 7.02 -13.20
C ARG A 11 -11.07 6.14 -12.13
N GLY A 12 -11.83 5.85 -11.08
CA GLY A 12 -11.38 5.00 -9.98
C GLY A 12 -9.90 5.02 -9.68
N ARG A 13 -9.31 3.81 -9.64
CA ARG A 13 -7.88 3.67 -9.33
C ARG A 13 -6.91 4.01 -10.44
N CYS A 14 -7.40 4.44 -11.59
CA CYS A 14 -6.48 4.80 -12.66
C CYS A 14 -6.38 6.31 -12.87
N ALA A 15 -7.18 7.06 -12.13
CA ALA A 15 -7.18 8.52 -12.29
C ALA A 15 -5.83 9.17 -11.98
N ALA A 16 -5.14 8.72 -10.93
CA ALA A 16 -3.87 9.35 -10.60
C ALA A 16 -2.76 8.99 -11.54
N LEU A 17 -2.72 7.77 -12.07
CA LEU A 17 -1.61 7.46 -12.97
C LEU A 17 -1.84 8.08 -14.35
N ARG A 18 -3.11 8.34 -14.71
CA ARG A 18 -3.42 8.97 -15.99
C ARG A 18 -3.02 10.44 -15.90
N MET A 19 -3.22 11.06 -14.72
CA MET A 19 -2.82 12.46 -14.53
C MET A 19 -1.30 12.57 -14.58
N LEU A 20 -0.60 11.57 -14.07
CA LEU A 20 0.85 11.59 -14.05
C LEU A 20 1.43 11.44 -15.45
N LEU A 21 0.81 10.58 -16.24
CA LEU A 21 1.30 10.34 -17.60
C LEU A 21 1.03 11.55 -18.53
N ALA A 22 -0.09 12.22 -18.31
CA ALA A 22 -0.45 13.38 -19.12
C ALA A 22 0.42 14.58 -18.75
N ASP A 23 0.62 14.78 -17.45
CA ASP A 23 1.40 15.91 -16.98
C ASP A 23 2.87 15.74 -17.31
N GLN A 24 3.33 14.51 -17.49
CA GLN A 24 4.73 14.29 -17.81
C GLN A 24 4.92 14.23 -19.31
N GLY A 25 3.84 14.41 -20.05
CA GLY A 25 3.91 14.40 -21.50
C GLY A 25 4.18 13.04 -22.09
N GLN A 26 3.65 11.99 -21.48
CA GLN A 26 3.85 10.65 -22.00
C GLN A 26 2.63 10.25 -22.78
N SER A 27 2.80 9.28 -23.67
CA SER A 27 1.68 8.79 -24.46
C SER A 27 1.34 7.41 -23.90
N TRP A 28 0.12 6.96 -24.11
CA TRP A 28 -0.26 5.65 -23.64
C TRP A 28 -1.52 5.22 -24.37
N LYS A 29 -1.78 3.92 -24.36
CA LYS A 29 -2.97 3.40 -25.00
C LYS A 29 -3.89 2.95 -23.90
N GLU A 30 -5.18 3.09 -24.13
CA GLU A 30 -6.13 2.66 -23.16
C GLU A 30 -6.81 1.45 -23.79
N GLU A 31 -7.08 0.44 -22.98
CA GLU A 31 -7.79 -0.76 -23.42
C GLU A 31 -8.91 -0.77 -22.42
N VAL A 32 -10.12 -0.52 -22.89
CA VAL A 32 -11.25 -0.47 -21.99
C VAL A 32 -11.86 -1.85 -21.84
N VAL A 33 -12.29 -2.19 -20.64
CA VAL A 33 -12.91 -3.47 -20.38
C VAL A 33 -14.30 -3.17 -19.87
N THR A 34 -15.29 -3.80 -20.46
CA THR A 34 -16.66 -3.56 -20.05
C THR A 34 -17.00 -4.62 -19.02
N VAL A 35 -18.09 -4.42 -18.30
CA VAL A 35 -18.48 -5.39 -17.30
C VAL A 35 -18.91 -6.66 -18.02
N GLU A 36 -19.23 -6.52 -19.32
CA GLU A 36 -19.66 -7.66 -20.12
C GLU A 36 -18.49 -8.54 -20.48
N THR A 37 -17.38 -7.93 -20.86
CA THR A 37 -16.22 -8.71 -21.21
C THR A 37 -15.54 -9.21 -19.93
N TRP A 38 -15.82 -8.54 -18.81
CA TRP A 38 -15.19 -8.96 -17.57
C TRP A 38 -16.00 -10.09 -16.97
N GLN A 39 -17.30 -10.09 -17.22
CA GLN A 39 -18.12 -11.15 -16.65
C GLN A 39 -18.01 -12.49 -17.34
N GLU A 40 -17.28 -12.53 -18.46
CA GLU A 40 -17.09 -13.78 -19.17
C GLU A 40 -15.87 -14.48 -18.55
N GLY A 41 -15.28 -13.82 -17.56
CA GLY A 41 -14.15 -14.35 -16.81
C GLY A 41 -12.83 -14.76 -17.42
N SER A 42 -12.66 -14.69 -18.73
CA SER A 42 -11.38 -15.13 -19.25
C SER A 42 -10.24 -14.12 -19.09
N LEU A 43 -10.55 -12.83 -18.93
CA LEU A 43 -9.44 -11.89 -18.74
C LEU A 43 -9.13 -11.86 -17.26
N LYS A 44 -10.17 -12.06 -16.46
CA LYS A 44 -10.05 -12.06 -15.02
C LYS A 44 -9.15 -13.19 -14.56
N ALA A 45 -9.18 -14.29 -15.31
CA ALA A 45 -8.38 -15.45 -14.96
C ALA A 45 -6.93 -15.26 -15.35
N SER A 46 -6.66 -14.32 -16.24
CA SER A 46 -5.30 -14.08 -16.64
C SER A 46 -4.67 -13.00 -15.76
N CYS A 47 -5.46 -12.36 -14.91
CA CYS A 47 -4.88 -11.31 -14.07
C CYS A 47 -4.31 -11.95 -12.81
N LEU A 48 -3.13 -11.50 -12.40
CA LEU A 48 -2.45 -12.08 -11.23
C LEU A 48 -3.30 -12.17 -9.97
N TYR A 49 -4.03 -11.10 -9.68
CA TYR A 49 -4.88 -11.09 -8.49
C TYR A 49 -6.34 -11.05 -8.90
N GLY A 50 -6.59 -11.36 -10.16
CA GLY A 50 -7.94 -11.38 -10.73
C GLY A 50 -8.63 -10.04 -10.72
N GLN A 51 -7.84 -8.98 -10.74
CA GLN A 51 -8.39 -7.62 -10.70
C GLN A 51 -7.67 -6.68 -11.64
N LEU A 52 -8.29 -5.52 -11.87
CA LEU A 52 -7.71 -4.47 -12.71
C LEU A 52 -7.46 -3.25 -11.78
N PRO A 53 -6.61 -2.32 -12.19
CA PRO A 53 -5.83 -2.23 -13.43
C PRO A 53 -4.68 -3.20 -13.73
N LYS A 54 -4.37 -3.31 -15.02
CA LYS A 54 -3.25 -4.07 -15.54
C LYS A 54 -2.52 -2.98 -16.32
N PHE A 55 -1.21 -3.09 -16.50
CA PHE A 55 -0.47 -2.04 -17.18
C PHE A 55 0.69 -2.69 -17.90
N GLN A 56 1.10 -2.12 -19.02
CA GLN A 56 2.23 -2.65 -19.75
C GLN A 56 3.17 -1.52 -20.07
N ASP A 57 4.46 -1.83 -20.12
CA ASP A 57 5.50 -0.87 -20.41
C ASP A 57 6.45 -1.75 -21.17
N GLY A 58 6.34 -1.73 -22.49
CA GLY A 58 7.21 -2.59 -23.27
C GLY A 58 6.83 -4.03 -22.96
N ASP A 59 7.82 -4.86 -22.65
CA ASP A 59 7.59 -6.26 -22.35
C ASP A 59 7.23 -6.52 -20.88
N LEU A 60 7.19 -5.47 -20.05
CA LEU A 60 6.85 -5.65 -18.65
C LEU A 60 5.36 -5.45 -18.42
N THR A 61 4.75 -6.33 -17.64
CA THR A 61 3.34 -6.22 -17.34
C THR A 61 3.28 -6.09 -15.84
N LEU A 62 2.35 -5.28 -15.35
CA LEU A 62 2.22 -5.07 -13.91
C LEU A 62 0.77 -5.01 -13.51
N TYR A 63 0.53 -5.24 -12.22
CA TYR A 63 -0.80 -5.14 -11.64
C TYR A 63 -0.54 -4.31 -10.40
N GLN A 64 -1.63 -3.93 -9.71
CA GLN A 64 -1.68 -3.14 -8.47
C GLN A 64 -1.45 -1.66 -8.82
N SER A 65 -2.45 -0.83 -8.48
CA SER A 65 -2.39 0.57 -8.82
C SER A 65 -1.22 1.33 -8.20
N ASN A 66 -0.86 0.99 -6.97
CA ASN A 66 0.27 1.68 -6.32
C ASN A 66 1.62 1.21 -6.79
N THR A 67 1.66 0.00 -7.37
CA THR A 67 2.91 -0.51 -7.94
C THR A 67 3.14 0.17 -9.30
N ILE A 68 2.06 0.51 -9.99
CA ILE A 68 2.20 1.18 -11.29
C ILE A 68 2.68 2.63 -11.06
N LEU A 69 2.17 3.26 -9.99
CA LEU A 69 2.58 4.63 -9.65
C LEU A 69 4.02 4.65 -9.19
N ARG A 70 4.43 3.66 -8.40
CA ARG A 70 5.83 3.66 -7.95
C ARG A 70 6.77 3.36 -9.10
N HIS A 71 6.31 2.57 -10.07
CA HIS A 71 7.17 2.22 -11.20
C HIS A 71 7.40 3.41 -12.13
N LEU A 72 6.38 4.22 -12.32
CA LEU A 72 6.52 5.40 -13.18
C LEU A 72 7.28 6.43 -12.34
N GLY A 73 7.11 6.34 -11.03
CA GLY A 73 7.81 7.23 -10.14
C GLY A 73 9.30 7.00 -10.27
N ARG A 74 9.74 5.75 -10.29
CA ARG A 74 11.18 5.58 -10.38
C ARG A 74 11.75 5.62 -11.79
N THR A 75 10.94 5.34 -12.80
CA THR A 75 11.51 5.39 -14.13
C THR A 75 11.50 6.79 -14.73
N LEU A 76 10.63 7.66 -14.20
CA LEU A 76 10.54 9.03 -14.71
C LEU A 76 11.12 10.08 -13.80
N GLY A 77 11.67 9.66 -12.64
CA GLY A 77 12.25 10.61 -11.71
C GLY A 77 11.27 11.44 -10.90
N LEU A 78 10.23 10.79 -10.38
CA LEU A 78 9.17 11.38 -9.58
C LEU A 78 9.12 10.69 -8.21
N TYR A 79 10.29 10.42 -7.66
CA TYR A 79 10.36 9.69 -6.41
C TYR A 79 11.24 10.36 -5.33
N GLY A 80 11.36 11.69 -5.38
CA GLY A 80 12.17 12.39 -4.40
C GLY A 80 13.58 12.53 -4.91
N LYS A 81 14.42 13.32 -4.24
CA LYS A 81 15.78 13.50 -4.72
C LYS A 81 16.78 12.54 -4.10
N ASP A 82 16.36 11.85 -3.06
CA ASP A 82 17.22 10.89 -2.39
C ASP A 82 16.40 9.87 -1.61
N GLN A 83 17.07 8.96 -0.88
CA GLN A 83 16.32 7.93 -0.12
C GLN A 83 15.51 8.51 1.00
N GLN A 84 15.94 9.62 1.55
CA GLN A 84 15.18 10.20 2.63
C GLN A 84 13.84 10.77 2.12
N GLU A 85 13.86 11.38 0.93
CA GLU A 85 12.63 11.93 0.39
C GLU A 85 11.78 10.80 -0.18
N ALA A 86 12.44 9.74 -0.67
CA ALA A 86 11.67 8.63 -1.22
C ALA A 86 10.83 7.95 -0.13
N ALA A 87 11.32 7.96 1.11
CA ALA A 87 10.60 7.36 2.21
C ALA A 87 9.41 8.24 2.61
N LEU A 88 9.58 9.55 2.48
CA LEU A 88 8.51 10.47 2.84
C LEU A 88 7.45 10.43 1.74
N VAL A 89 7.85 10.16 0.50
CA VAL A 89 6.88 10.08 -0.59
C VAL A 89 6.02 8.83 -0.37
N ASP A 90 6.65 7.78 0.15
CA ASP A 90 5.91 6.54 0.40
C ASP A 90 4.95 6.70 1.56
N MET A 91 5.35 7.47 2.57
CA MET A 91 4.52 7.66 3.74
C MET A 91 3.26 8.47 3.43
N VAL A 92 3.38 9.39 2.47
CA VAL A 92 2.22 10.21 2.06
C VAL A 92 1.29 9.31 1.21
N ASN A 93 1.89 8.53 0.31
CA ASN A 93 1.09 7.67 -0.57
C ASN A 93 0.34 6.60 0.17
N ASP A 94 0.93 6.08 1.26
CA ASP A 94 0.24 5.04 2.05
C ASP A 94 -0.89 5.68 2.85
N GLY A 95 -0.72 6.95 3.22
CA GLY A 95 -1.80 7.61 3.94
C GLY A 95 -2.95 7.89 2.98
N VAL A 96 -2.61 8.27 1.74
CA VAL A 96 -3.64 8.56 0.72
C VAL A 96 -4.39 7.27 0.43
N GLU A 97 -3.67 6.14 0.37
CA GLU A 97 -4.29 4.85 0.11
C GLU A 97 -5.23 4.38 1.24
N ASP A 98 -4.91 4.73 2.48
CA ASP A 98 -5.78 4.33 3.58
C ASP A 98 -7.12 5.07 3.51
N LEU A 99 -7.08 6.34 3.12
CA LEU A 99 -8.34 7.09 3.09
C LEU A 99 -9.11 6.74 1.82
N ARG A 100 -8.38 6.35 0.78
CA ARG A 100 -9.04 5.97 -0.46
C ARG A 100 -9.82 4.69 -0.21
N CYS A 101 -9.33 3.86 0.71
CA CYS A 101 -10.02 2.61 1.01
C CYS A 101 -11.30 2.86 1.82
N LYS A 102 -11.31 3.93 2.62
CA LYS A 102 -12.49 4.25 3.41
C LYS A 102 -13.54 4.91 2.50
N TYR A 103 -13.06 5.66 1.51
CA TYR A 103 -13.95 6.32 0.57
C TYR A 103 -14.64 5.26 -0.29
N ILE A 104 -13.85 4.26 -0.71
CA ILE A 104 -14.36 3.19 -1.57
C ILE A 104 -15.37 2.32 -0.84
N SER A 105 -15.19 2.20 0.47
CA SER A 105 -16.08 1.38 1.25
C SER A 105 -17.37 2.15 1.47
N LEU A 106 -17.29 3.47 1.49
CA LEU A 106 -18.51 4.26 1.67
C LEU A 106 -19.33 4.25 0.38
N ILE A 107 -18.62 4.32 -0.75
CA ILE A 107 -19.27 4.39 -2.05
C ILE A 107 -19.91 3.08 -2.45
N TYR A 108 -19.21 1.99 -2.19
CA TYR A 108 -19.71 0.69 -2.60
C TYR A 108 -20.51 -0.16 -1.61
N THR A 109 -20.55 0.21 -0.33
CA THR A 109 -21.27 -0.62 0.62
C THR A 109 -22.15 0.08 1.65
N ASN A 110 -22.15 1.41 1.69
CA ASN A 110 -22.93 2.09 2.73
C ASN A 110 -23.24 3.56 2.42
N TYR A 111 -23.25 3.93 1.15
CA TYR A 111 -23.46 5.31 0.77
C TYR A 111 -24.64 6.05 1.36
N GLU A 112 -25.78 5.40 1.42
CA GLU A 112 -26.96 6.09 1.91
C GLU A 112 -27.06 6.17 3.43
N ALA A 113 -26.49 5.20 4.13
CA ALA A 113 -26.63 5.22 5.58
C ALA A 113 -25.43 5.80 6.29
N GLY A 114 -24.31 5.92 5.59
CA GLY A 114 -23.13 6.40 6.27
C GLY A 114 -22.43 7.63 5.74
N LYS A 115 -23.07 8.35 4.82
CA LYS A 115 -22.40 9.51 4.25
C LYS A 115 -22.35 10.73 5.17
N ASP A 116 -23.26 10.81 6.14
CA ASP A 116 -23.25 11.98 7.03
C ASP A 116 -22.20 11.82 8.10
N ASP A 117 -22.01 10.59 8.55
CA ASP A 117 -21.02 10.34 9.56
C ASP A 117 -19.65 10.38 8.92
N TYR A 118 -19.58 10.00 7.65
CA TYR A 118 -18.29 9.96 6.97
C TYR A 118 -17.83 11.37 6.71
N VAL A 119 -18.81 12.25 6.48
CA VAL A 119 -18.47 13.63 6.17
C VAL A 119 -18.21 14.40 7.46
N LYS A 120 -18.71 13.88 8.58
CA LYS A 120 -18.50 14.53 9.87
C LYS A 120 -17.10 14.20 10.38
N ALA A 121 -16.56 13.07 9.94
CA ALA A 121 -15.25 12.63 10.35
C ALA A 121 -14.16 13.05 9.38
N LEU A 122 -14.57 13.57 8.22
CA LEU A 122 -13.60 13.96 7.19
C LEU A 122 -12.51 14.99 7.55
N PRO A 123 -12.85 16.05 8.32
CA PRO A 123 -11.82 17.04 8.68
C PRO A 123 -10.61 16.38 9.38
N GLY A 124 -10.90 15.44 10.28
CA GLY A 124 -9.85 14.75 10.99
C GLY A 124 -8.94 13.93 10.09
N GLN A 125 -9.51 13.38 9.02
CA GLN A 125 -8.77 12.56 8.05
C GLN A 125 -7.95 13.38 7.07
N LEU A 126 -8.31 14.66 6.89
CA LEU A 126 -7.55 15.50 5.96
C LEU A 126 -6.50 16.34 6.66
N LYS A 127 -6.62 16.52 7.97
CA LYS A 127 -5.65 17.31 8.72
C LYS A 127 -4.19 16.86 8.59
N PRO A 128 -3.94 15.54 8.49
CA PRO A 128 -2.54 15.11 8.35
C PRO A 128 -1.85 15.67 7.11
N PHE A 129 -2.58 15.81 6.01
CA PHE A 129 -1.97 16.30 4.77
C PHE A 129 -1.75 17.82 4.79
N GLU A 130 -2.55 18.53 5.56
CA GLU A 130 -2.42 19.98 5.72
C GLU A 130 -1.19 20.20 6.59
N THR A 131 -0.99 19.29 7.53
CA THR A 131 0.15 19.38 8.43
C THR A 131 1.45 19.05 7.69
N LEU A 132 1.39 18.14 6.73
CA LEU A 132 2.57 17.78 5.98
C LEU A 132 2.98 18.92 5.05
N LEU A 133 1.98 19.66 4.54
CA LEU A 133 2.28 20.79 3.66
C LEU A 133 2.85 21.95 4.48
N SER A 134 2.34 22.12 5.70
CA SER A 134 2.83 23.20 6.51
C SER A 134 4.29 22.97 6.93
N GLN A 135 4.76 21.74 6.82
CA GLN A 135 6.13 21.46 7.20
C GLN A 135 7.08 21.49 6.03
N ASN A 136 6.55 21.62 4.83
CA ASN A 136 7.44 21.62 3.68
C ASN A 136 7.42 22.97 2.98
N GLN A 137 8.35 23.85 3.36
CA GLN A 137 8.45 25.17 2.74
C GLN A 137 7.17 25.98 2.81
N GLY A 138 6.46 25.82 3.93
CA GLY A 138 5.22 26.54 4.13
C GLY A 138 4.09 26.15 3.21
N GLY A 139 4.18 24.94 2.63
CA GLY A 139 3.15 24.44 1.73
C GLY A 139 3.17 25.12 0.37
N LYS A 140 4.30 25.65 -0.03
CA LYS A 140 4.40 26.38 -1.28
C LYS A 140 4.84 25.61 -2.52
N THR A 141 5.27 24.37 -2.33
CA THR A 141 5.76 23.56 -3.42
C THR A 141 4.91 22.31 -3.49
N PHE A 142 5.54 21.16 -3.33
CA PHE A 142 4.85 19.90 -3.38
C PHE A 142 4.67 19.26 -2.01
N ILE A 143 4.07 18.07 -1.96
CA ILE A 143 3.83 17.43 -0.67
C ILE A 143 5.16 17.01 0.00
N VAL A 144 6.18 16.70 -0.81
CA VAL A 144 7.48 16.33 -0.29
C VAL A 144 8.52 16.98 -1.19
N GLY A 145 9.51 17.59 -0.57
CA GLY A 145 10.57 18.22 -1.33
C GLY A 145 10.09 19.35 -2.24
N ASP A 146 10.92 19.67 -3.21
CA ASP A 146 10.58 20.74 -4.13
C ASP A 146 10.38 20.30 -5.58
N GLN A 147 10.19 19.00 -5.80
CA GLN A 147 9.93 18.49 -7.13
C GLN A 147 8.66 17.67 -6.99
N ILE A 148 7.90 17.51 -8.07
CA ILE A 148 6.66 16.77 -7.98
C ILE A 148 6.99 15.27 -7.85
N SER A 149 6.11 14.52 -7.22
CA SER A 149 6.36 13.10 -7.06
C SER A 149 5.06 12.39 -7.39
N PHE A 150 5.09 11.05 -7.48
CA PHE A 150 3.87 10.32 -7.79
C PHE A 150 2.80 10.44 -6.71
N ALA A 151 3.23 10.72 -5.47
CA ALA A 151 2.27 10.84 -4.39
C ALA A 151 1.45 12.14 -4.54
N ASP A 152 1.99 13.10 -5.29
CA ASP A 152 1.28 14.38 -5.49
C ASP A 152 0.04 14.14 -6.37
N TYR A 153 0.20 13.27 -7.36
CA TYR A 153 -0.94 12.99 -8.27
C TYR A 153 -1.99 12.14 -7.60
N ASN A 154 -1.56 11.28 -6.67
CA ASN A 154 -2.50 10.42 -5.97
C ASN A 154 -3.22 11.22 -4.88
N LEU A 155 -2.52 12.17 -4.25
CA LEU A 155 -3.18 12.99 -3.23
C LEU A 155 -4.11 14.00 -3.94
N LEU A 156 -3.69 14.52 -5.10
CA LEU A 156 -4.55 15.47 -5.82
C LEU A 156 -5.85 14.79 -6.21
N ASP A 157 -5.78 13.55 -6.66
CA ASP A 157 -7.00 12.86 -7.03
C ASP A 157 -7.91 12.62 -5.85
N LEU A 158 -7.33 12.30 -4.69
CA LEU A 158 -8.18 12.03 -3.53
C LEU A 158 -8.87 13.31 -3.03
N LEU A 159 -8.22 14.45 -3.24
CA LEU A 159 -8.78 15.71 -2.78
C LEU A 159 -9.87 16.12 -3.76
N LEU A 160 -9.63 15.88 -5.04
CA LEU A 160 -10.63 16.23 -6.04
C LEU A 160 -11.88 15.36 -5.89
N ILE A 161 -11.73 14.10 -5.48
CA ILE A 161 -12.95 13.28 -5.38
C ILE A 161 -13.70 13.55 -4.09
N HIS A 162 -13.03 14.14 -3.11
CA HIS A 162 -13.73 14.43 -1.86
C HIS A 162 -14.49 15.74 -1.95
N GLU A 163 -14.05 16.61 -2.86
CA GLU A 163 -14.72 17.87 -3.06
C GLU A 163 -16.04 17.60 -3.78
N VAL A 164 -16.10 16.49 -4.51
CA VAL A 164 -17.33 16.15 -5.20
C VAL A 164 -18.27 15.46 -4.20
N LEU A 165 -17.72 14.82 -3.17
CA LEU A 165 -18.58 14.15 -2.19
C LEU A 165 -19.06 15.10 -1.10
N ALA A 166 -18.23 16.09 -0.76
CA ALA A 166 -18.57 17.04 0.29
C ALA A 166 -18.01 18.39 -0.12
N PRO A 167 -18.75 19.09 -0.99
CA PRO A 167 -18.34 20.41 -1.48
C PRO A 167 -17.95 21.33 -0.32
N GLY A 168 -16.84 22.03 -0.49
CA GLY A 168 -16.34 22.92 0.54
C GLY A 168 -15.58 22.20 1.66
N CYS A 169 -15.36 20.90 1.54
CA CYS A 169 -14.66 20.19 2.61
C CYS A 169 -13.22 20.71 2.79
N LEU A 170 -12.70 21.42 1.80
CA LEU A 170 -11.35 21.94 1.92
C LEU A 170 -11.30 23.40 2.36
N ASP A 171 -12.46 24.00 2.62
CA ASP A 171 -12.49 25.41 3.02
C ASP A 171 -11.73 25.70 4.30
N ALA A 172 -11.68 24.72 5.19
CA ALA A 172 -11.02 24.87 6.46
C ALA A 172 -9.54 24.63 6.42
N PHE A 173 -9.03 24.20 5.26
CA PHE A 173 -7.60 23.90 5.12
C PHE A 173 -6.94 24.75 4.05
N PRO A 174 -6.37 25.91 4.44
CA PRO A 174 -5.71 26.84 3.54
C PRO A 174 -4.66 26.24 2.64
N LEU A 175 -3.74 25.46 3.21
CA LEU A 175 -2.68 24.92 2.37
C LEU A 175 -3.11 23.83 1.38
N LEU A 176 -4.13 23.03 1.74
CA LEU A 176 -4.57 21.98 0.81
C LEU A 176 -5.40 22.62 -0.33
N SER A 177 -6.16 23.66 0.02
CA SER A 177 -6.97 24.37 -0.97
C SER A 177 -6.07 25.06 -1.98
N ALA A 178 -4.96 25.65 -1.51
CA ALA A 178 -4.06 26.33 -2.40
C ALA A 178 -3.23 25.35 -3.22
N TYR A 179 -3.02 24.17 -2.68
CA TYR A 179 -2.22 23.17 -3.37
C TYR A 179 -3.04 22.54 -4.50
N VAL A 180 -4.34 22.36 -4.29
CA VAL A 180 -5.15 21.78 -5.34
C VAL A 180 -5.22 22.80 -6.48
N GLY A 181 -5.20 24.08 -6.12
CA GLY A 181 -5.25 25.13 -7.12
C GLY A 181 -4.00 25.17 -7.97
N ARG A 182 -2.82 25.14 -7.35
CA ARG A 182 -1.58 25.21 -8.10
C ARG A 182 -1.34 24.01 -9.01
N LEU A 183 -1.66 22.83 -8.53
CA LEU A 183 -1.38 21.65 -9.34
C LEU A 183 -2.38 21.48 -10.48
N SER A 184 -3.60 21.95 -10.26
CA SER A 184 -4.66 21.87 -11.29
C SER A 184 -4.36 22.84 -12.43
N ALA A 185 -3.41 23.72 -12.21
CA ALA A 185 -3.03 24.73 -13.18
C ALA A 185 -1.78 24.39 -13.99
N ARG A 186 -1.13 23.26 -13.71
CA ARG A 186 0.04 22.92 -14.49
C ARG A 186 -0.53 22.74 -15.89
N PRO A 187 0.11 23.33 -16.91
CA PRO A 187 -0.35 23.24 -18.28
C PRO A 187 -0.87 21.90 -18.81
N LYS A 188 0.00 20.89 -18.88
CA LYS A 188 -0.44 19.60 -19.40
C LYS A 188 -1.49 18.92 -18.55
N LEU A 189 -1.50 19.21 -17.26
CA LEU A 189 -2.46 18.58 -16.36
C LEU A 189 -3.81 19.28 -16.45
N LYS A 190 -3.78 20.58 -16.72
CA LYS A 190 -5.01 21.37 -16.79
C LYS A 190 -5.78 21.01 -18.07
N ALA A 191 -5.03 20.71 -19.13
CA ALA A 191 -5.64 20.35 -20.40
C ALA A 191 -6.23 18.95 -20.28
N PHE A 192 -5.57 18.09 -19.52
CA PHE A 192 -6.09 16.74 -19.36
C PHE A 192 -7.31 16.71 -18.46
N LEU A 193 -7.36 17.57 -17.45
CA LEU A 193 -8.53 17.54 -16.57
C LEU A 193 -9.77 18.13 -17.25
N ALA A 194 -9.57 18.82 -18.36
CA ALA A 194 -10.70 19.42 -19.07
C ALA A 194 -11.12 18.57 -20.26
N SER A 195 -10.36 17.51 -20.54
CA SER A 195 -10.64 16.65 -21.70
C SER A 195 -11.81 15.70 -21.52
N PRO A 196 -12.48 15.31 -22.63
CA PRO A 196 -13.61 14.39 -22.56
C PRO A 196 -13.21 13.03 -21.95
N GLU A 197 -12.00 12.57 -22.25
CA GLU A 197 -11.55 11.28 -21.72
C GLU A 197 -11.48 11.27 -20.18
N TYR A 198 -11.43 12.46 -19.58
CA TYR A 198 -11.41 12.56 -18.13
C TYR A 198 -12.79 12.95 -17.59
N VAL A 199 -13.35 14.02 -18.16
CA VAL A 199 -14.64 14.53 -17.68
C VAL A 199 -15.83 13.63 -17.98
N ASN A 200 -15.74 12.85 -19.04
CA ASN A 200 -16.86 12.03 -19.41
C ASN A 200 -16.91 10.63 -18.83
N LEU A 201 -15.97 10.30 -17.93
CA LEU A 201 -15.94 9.01 -17.26
C LEU A 201 -16.50 9.18 -15.85
N PRO A 202 -17.34 8.24 -15.38
CA PRO A 202 -17.86 8.40 -14.02
C PRO A 202 -16.68 8.17 -13.05
N ILE A 203 -16.79 8.69 -11.83
CA ILE A 203 -15.69 8.49 -10.88
C ILE A 203 -15.66 7.04 -10.39
N ASN A 204 -16.85 6.47 -10.16
CA ASN A 204 -16.97 5.11 -9.65
C ASN A 204 -17.83 4.24 -10.55
N GLY A 205 -17.84 2.95 -10.26
CA GLY A 205 -18.59 2.01 -11.06
C GLY A 205 -20.08 1.87 -10.78
N ASN A 206 -20.55 2.39 -9.65
CA ASN A 206 -21.97 2.28 -9.28
C ASN A 206 -22.72 3.60 -9.47
N GLY A 207 -22.05 4.56 -10.09
CA GLY A 207 -22.66 5.86 -10.32
C GLY A 207 -22.68 6.77 -9.12
N LYS A 208 -22.38 6.26 -7.92
CA LYS A 208 -22.41 7.10 -6.75
C LYS A 208 -21.14 7.93 -6.67
N GLN A 209 -21.23 9.07 -6.00
CA GLN A 209 -20.11 9.99 -5.87
C GLN A 209 -20.35 11.09 -4.84
N PRO B 1 21.53 1.21 17.71
CA PRO B 1 21.70 1.42 16.27
C PRO B 1 20.92 2.68 16.04
N PRO B 2 20.82 3.11 14.78
CA PRO B 2 20.02 4.32 14.62
C PRO B 2 18.51 3.96 14.60
N TYR B 3 18.17 2.67 14.80
CA TYR B 3 16.74 2.29 14.71
C TYR B 3 15.93 2.16 15.98
N THR B 4 14.65 2.48 15.88
CA THR B 4 13.71 2.37 16.98
C THR B 4 12.33 2.04 16.44
N VAL B 5 11.64 1.11 17.09
CA VAL B 5 10.32 0.72 16.68
C VAL B 5 9.44 1.07 17.85
N VAL B 6 8.31 1.72 17.57
CA VAL B 6 7.34 2.10 18.60
C VAL B 6 6.06 1.40 18.18
N TYR B 7 5.53 0.56 19.08
CA TYR B 7 4.35 -0.23 18.77
C TYR B 7 3.73 -0.83 20.02
N PHE B 8 2.52 -1.36 19.85
CA PHE B 8 1.80 -2.02 20.94
C PHE B 8 2.57 -3.35 21.18
N PRO B 9 2.27 -4.04 22.29
CA PRO B 9 2.98 -5.31 22.56
C PRO B 9 2.39 -6.54 21.82
N VAL B 10 2.34 -6.50 20.49
CA VAL B 10 1.83 -7.59 19.66
C VAL B 10 2.77 -7.70 18.45
N ARG B 11 2.62 -8.72 17.62
CA ARG B 11 3.50 -8.83 16.47
C ARG B 11 2.91 -7.97 15.35
N GLY B 12 1.59 -8.09 15.17
CA GLY B 12 0.85 -7.33 14.16
C GLY B 12 1.60 -6.91 12.91
N ARG B 13 1.53 -5.62 12.62
CA ARG B 13 2.18 -5.03 11.46
C ARG B 13 3.66 -4.79 11.62
N CYS B 14 4.22 -5.20 12.76
CA CYS B 14 5.65 -5.03 12.96
C CYS B 14 6.46 -6.32 12.83
N ALA B 15 5.76 -7.44 12.69
CA ALA B 15 6.45 -8.73 12.60
C ALA B 15 7.39 -8.86 11.41
N ALA B 16 6.96 -8.38 10.22
CA ALA B 16 7.82 -8.51 9.05
C ALA B 16 9.06 -7.60 9.05
N LEU B 17 8.96 -6.40 9.62
CA LEU B 17 10.14 -5.54 9.62
C LEU B 17 11.14 -5.98 10.71
N ARG B 18 10.62 -6.61 11.77
CA ARG B 18 11.51 -7.12 12.83
C ARG B 18 12.27 -8.36 12.30
N MET B 19 11.63 -9.17 11.44
CA MET B 19 12.30 -10.33 10.86
C MET B 19 13.33 -9.86 9.86
N LEU B 20 13.04 -8.76 9.17
CA LEU B 20 13.97 -8.25 8.17
C LEU B 20 15.22 -7.70 8.86
N LEU B 21 15.02 -7.04 9.99
CA LEU B 21 16.14 -6.46 10.69
C LEU B 21 16.99 -7.55 11.35
N ALA B 22 16.32 -8.55 11.93
CA ALA B 22 17.05 -9.64 12.58
C ALA B 22 17.81 -10.50 11.57
N ASP B 23 17.23 -10.73 10.40
CA ASP B 23 17.91 -11.56 9.42
C ASP B 23 19.06 -10.82 8.73
N GLN B 24 19.04 -9.49 8.77
CA GLN B 24 20.12 -8.71 8.14
C GLN B 24 21.19 -8.37 9.17
N GLY B 25 21.02 -8.88 10.38
CA GLY B 25 21.98 -8.64 11.44
C GLY B 25 21.98 -7.23 12.00
N GLN B 26 20.86 -6.53 11.90
CA GLN B 26 20.80 -5.17 12.41
C GLN B 26 20.15 -5.18 13.77
N SER B 27 20.55 -4.25 14.63
CA SER B 27 19.95 -4.17 15.95
C SER B 27 19.00 -2.98 15.96
N TRP B 28 18.07 -2.95 16.91
CA TRP B 28 17.11 -1.87 17.00
C TRP B 28 16.62 -1.84 18.43
N LYS B 29 15.95 -0.75 18.81
CA LYS B 29 15.39 -0.62 20.14
C LYS B 29 13.86 -0.68 20.01
N GLU B 30 13.20 -1.25 21.00
CA GLU B 30 11.76 -1.30 20.96
C GLU B 30 11.26 -0.37 22.03
N GLU B 31 10.17 0.33 21.75
CA GLU B 31 9.55 1.18 22.75
C GLU B 31 8.16 0.62 22.68
N VAL B 32 7.66 0.17 23.81
CA VAL B 32 6.35 -0.44 23.83
C VAL B 32 5.34 0.51 24.38
N VAL B 33 4.16 0.51 23.77
CA VAL B 33 3.10 1.40 24.20
C VAL B 33 2.01 0.48 24.70
N THR B 34 1.52 0.73 25.91
CA THR B 34 0.46 -0.11 26.46
C THR B 34 -0.86 0.52 26.06
N VAL B 35 -1.95 -0.22 26.22
CA VAL B 35 -3.25 0.30 25.85
C VAL B 35 -3.68 1.40 26.79
N GLU B 36 -3.08 1.42 27.98
CA GLU B 36 -3.41 2.44 28.97
C GLU B 36 -2.71 3.73 28.61
N THR B 37 -1.50 3.62 28.06
CA THR B 37 -0.72 4.78 27.66
C THR B 37 -1.28 5.33 26.36
N TRP B 38 -1.94 4.48 25.58
CA TRP B 38 -2.47 4.94 24.31
C TRP B 38 -3.76 5.68 24.56
N GLN B 39 -4.50 5.25 25.58
CA GLN B 39 -5.77 5.87 25.94
C GLN B 39 -5.59 7.24 26.58
N GLU B 40 -4.35 7.58 26.91
CA GLU B 40 -4.03 8.87 27.51
C GLU B 40 -4.02 9.95 26.41
N GLY B 41 -4.21 9.51 25.17
CA GLY B 41 -4.27 10.40 24.03
C GLY B 41 -3.10 11.25 23.59
N SER B 42 -2.16 11.54 24.46
CA SER B 42 -1.05 12.39 24.03
C SER B 42 -0.11 11.87 22.94
N LEU B 43 0.13 10.56 22.91
CA LEU B 43 1.04 10.00 21.93
C LEU B 43 0.26 9.84 20.63
N LYS B 44 -1.02 9.53 20.75
CA LYS B 44 -1.84 9.34 19.55
C LYS B 44 -1.96 10.66 18.80
N ALA B 45 -2.08 11.74 19.58
CA ALA B 45 -2.22 13.07 19.03
C ALA B 45 -0.92 13.51 18.37
N SER B 46 0.19 12.87 18.70
CA SER B 46 1.44 13.26 18.08
C SER B 46 1.76 12.42 16.84
N CYS B 47 1.00 11.35 16.61
CA CYS B 47 1.28 10.51 15.47
C CYS B 47 0.63 11.14 14.23
N LEU B 48 1.33 11.09 13.10
CA LEU B 48 0.84 11.71 11.88
C LEU B 48 -0.54 11.28 11.43
N TYR B 49 -0.84 9.98 11.53
CA TYR B 49 -2.15 9.48 11.13
C TYR B 49 -2.91 8.96 12.34
N GLY B 50 -2.38 9.29 13.53
CA GLY B 50 -3.00 8.89 14.79
C GLY B 50 -2.91 7.41 15.10
N GLN B 51 -1.94 6.75 14.46
CA GLN B 51 -1.74 5.30 14.64
C GLN B 51 -0.28 4.87 14.73
N LEU B 52 -0.09 3.61 15.12
CA LEU B 52 1.22 2.99 15.23
C LEU B 52 1.24 1.86 14.20
N PRO B 53 2.43 1.35 13.81
CA PRO B 53 3.78 1.72 14.24
C PRO B 53 4.38 3.08 13.85
N LYS B 54 5.35 3.50 14.65
CA LYS B 54 6.13 4.69 14.40
C LYS B 54 7.54 4.08 14.33
N PHE B 55 8.44 4.69 13.59
CA PHE B 55 9.78 4.15 13.45
C PHE B 55 10.75 5.31 13.30
N GLN B 56 11.98 5.13 13.74
CA GLN B 56 12.99 6.16 13.58
C GLN B 56 14.22 5.52 13.08
N ASP B 57 14.92 6.30 12.27
CA ASP B 57 16.19 5.91 11.69
C ASP B 57 16.95 7.22 11.87
N GLY B 58 17.69 7.34 12.98
CA GLY B 58 18.41 8.58 13.26
C GLY B 58 17.30 9.58 13.55
N ASP B 59 17.38 10.76 12.94
CA ASP B 59 16.31 11.75 13.14
C ASP B 59 15.13 11.61 12.17
N LEU B 60 15.17 10.61 11.28
CA LEU B 60 14.07 10.42 10.33
C LEU B 60 12.96 9.63 11.03
N THR B 61 11.77 10.21 11.13
CA THR B 61 10.64 9.52 11.77
C THR B 61 9.70 9.09 10.65
N LEU B 62 9.21 7.86 10.70
CA LEU B 62 8.32 7.38 9.67
C LEU B 62 7.14 6.70 10.31
N TYR B 63 6.02 6.67 9.59
CA TYR B 63 4.80 6.00 10.01
C TYR B 63 4.49 5.15 8.78
N GLN B 64 3.49 4.27 8.92
CA GLN B 64 3.00 3.35 7.90
C GLN B 64 3.97 2.17 7.80
N SER B 65 3.43 0.98 8.07
CA SER B 65 4.28 -0.22 8.06
C SER B 65 4.96 -0.53 6.75
N ASN B 66 4.27 -0.27 5.63
CA ASN B 66 4.85 -0.59 4.33
C ASN B 66 5.87 0.44 3.91
N THR B 67 5.77 1.65 4.47
CA THR B 67 6.76 2.68 4.16
C THR B 67 8.06 2.30 4.89
N ILE B 68 7.92 1.72 6.09
CA ILE B 68 9.11 1.32 6.84
C ILE B 68 9.82 0.16 6.12
N LEU B 69 9.05 -0.78 5.56
CA LEU B 69 9.67 -1.90 4.86
C LEU B 69 10.36 -1.45 3.59
N ARG B 70 9.78 -0.47 2.88
CA ARG B 70 10.44 -0.01 1.64
C ARG B 70 11.66 0.84 1.91
N HIS B 71 11.68 1.47 3.07
CA HIS B 71 12.84 2.32 3.42
C HIS B 71 14.05 1.42 3.78
N LEU B 72 13.77 0.31 4.48
CA LEU B 72 14.86 -0.61 4.83
C LEU B 72 15.26 -1.42 3.56
N GLY B 73 14.31 -1.61 2.65
CA GLY B 73 14.61 -2.29 1.41
C GLY B 73 15.62 -1.47 0.62
N ARG B 74 15.43 -0.16 0.59
CA ARG B 74 16.35 0.69 -0.15
C ARG B 74 17.69 0.90 0.52
N THR B 75 17.70 1.00 1.84
CA THR B 75 18.96 1.25 2.52
C THR B 75 19.82 0.02 2.77
N LEU B 76 19.18 -1.14 2.77
CA LEU B 76 19.89 -2.40 3.00
C LEU B 76 20.07 -3.24 1.74
N GLY B 77 19.59 -2.75 0.59
CA GLY B 77 19.74 -3.48 -0.67
C GLY B 77 18.85 -4.70 -0.82
N LEU B 78 17.61 -4.56 -0.41
CA LEU B 78 16.60 -5.61 -0.44
C LEU B 78 15.46 -5.20 -1.36
N TYR B 79 15.80 -4.56 -2.47
CA TYR B 79 14.79 -4.04 -3.40
C TYR B 79 14.94 -4.49 -4.86
N GLY B 80 15.61 -5.62 -5.08
CA GLY B 80 15.79 -6.09 -6.44
C GLY B 80 17.11 -5.60 -6.99
N LYS B 81 17.53 -6.12 -8.14
CA LYS B 81 18.81 -5.72 -8.70
C LYS B 81 18.75 -4.62 -9.76
N ASP B 82 17.55 -4.32 -10.23
CA ASP B 82 17.37 -3.30 -11.26
C ASP B 82 15.95 -2.72 -11.11
N GLN B 83 15.56 -1.81 -11.99
CA GLN B 83 14.24 -1.19 -11.86
C GLN B 83 13.10 -2.10 -12.18
N GLN B 84 13.37 -3.10 -12.99
CA GLN B 84 12.31 -4.03 -13.35
C GLN B 84 12.04 -4.98 -12.17
N GLU B 85 13.07 -5.38 -11.45
CA GLU B 85 12.82 -6.26 -10.31
C GLU B 85 12.18 -5.48 -9.17
N ALA B 86 12.54 -4.20 -9.02
CA ALA B 86 11.96 -3.39 -7.96
C ALA B 86 10.45 -3.24 -8.17
N ALA B 87 10.01 -3.24 -9.42
CA ALA B 87 8.57 -3.11 -9.65
C ALA B 87 7.85 -4.42 -9.33
N LEU B 88 8.52 -5.53 -9.57
CA LEU B 88 7.88 -6.83 -9.28
C LEU B 88 7.86 -7.06 -7.77
N VAL B 89 8.84 -6.50 -7.06
CA VAL B 89 8.86 -6.62 -5.59
C VAL B 89 7.70 -5.80 -4.99
N ASP B 90 7.36 -4.66 -5.61
CA ASP B 90 6.23 -3.84 -5.12
C ASP B 90 4.90 -4.53 -5.40
N MET B 91 4.82 -5.21 -6.55
CA MET B 91 3.58 -5.89 -6.95
C MET B 91 3.27 -7.02 -5.99
N VAL B 92 4.33 -7.67 -5.52
CA VAL B 92 4.15 -8.76 -4.56
C VAL B 92 3.78 -8.17 -3.20
N ASN B 93 4.43 -7.08 -2.80
CA ASN B 93 4.10 -6.55 -1.48
C ASN B 93 2.70 -5.97 -1.40
N ASP B 94 2.19 -5.43 -2.52
CA ASP B 94 0.83 -4.87 -2.54
C ASP B 94 -0.20 -5.98 -2.48
N GLY B 95 0.14 -7.15 -3.03
CA GLY B 95 -0.77 -8.28 -2.94
C GLY B 95 -0.81 -8.77 -1.51
N VAL B 96 0.36 -8.82 -0.86
CA VAL B 96 0.44 -9.26 0.53
C VAL B 96 -0.37 -8.31 1.42
N GLU B 97 -0.31 -7.01 1.15
CA GLU B 97 -1.05 -6.06 1.96
C GLU B 97 -2.56 -6.19 1.77
N ASP B 98 -3.00 -6.56 0.57
CA ASP B 98 -4.44 -6.71 0.34
C ASP B 98 -4.97 -7.89 1.12
N LEU B 99 -4.18 -8.95 1.21
CA LEU B 99 -4.67 -10.10 1.95
C LEU B 99 -4.55 -9.85 3.46
N ARG B 100 -3.57 -9.06 3.86
CA ARG B 100 -3.43 -8.76 5.29
C ARG B 100 -4.60 -7.89 5.76
N CYS B 101 -5.17 -7.06 4.87
CA CYS B 101 -6.31 -6.25 5.29
C CYS B 101 -7.55 -7.08 5.49
N LYS B 102 -7.68 -8.16 4.73
CA LYS B 102 -8.86 -9.01 4.88
C LYS B 102 -8.71 -9.84 6.15
N TYR B 103 -7.47 -10.23 6.45
CA TYR B 103 -7.20 -11.03 7.63
C TYR B 103 -7.48 -10.22 8.89
N ILE B 104 -7.12 -8.95 8.84
CA ILE B 104 -7.29 -8.04 9.95
C ILE B 104 -8.76 -7.71 10.21
N SER B 105 -9.57 -7.66 9.14
CA SER B 105 -10.98 -7.35 9.33
C SER B 105 -11.66 -8.56 9.95
N LEU B 106 -11.20 -9.74 9.59
CA LEU B 106 -11.82 -10.94 10.13
C LEU B 106 -11.51 -11.05 11.63
N ILE B 107 -10.25 -10.83 11.98
CA ILE B 107 -9.78 -10.96 13.36
C ILE B 107 -10.40 -9.99 14.34
N TYR B 108 -10.58 -8.74 13.94
CA TYR B 108 -11.10 -7.74 14.84
C TYR B 108 -12.57 -7.36 14.73
N THR B 109 -13.28 -7.83 13.69
CA THR B 109 -14.68 -7.44 13.55
C THR B 109 -15.66 -8.55 13.16
N ASN B 110 -15.16 -9.72 12.80
CA ASN B 110 -16.06 -10.76 12.32
C ASN B 110 -15.51 -12.16 12.54
N TYR B 111 -14.62 -12.31 13.51
CA TYR B 111 -14.01 -13.61 13.72
C TYR B 111 -14.93 -14.81 13.98
N GLU B 112 -15.97 -14.62 14.78
CA GLU B 112 -16.83 -15.76 15.10
C GLU B 112 -17.77 -16.20 13.99
N ALA B 113 -18.23 -15.26 13.17
CA ALA B 113 -19.17 -15.61 12.12
C ALA B 113 -18.58 -15.66 10.73
N GLY B 114 -17.39 -15.10 10.54
CA GLY B 114 -16.84 -15.10 9.21
C GLY B 114 -15.65 -16.00 9.02
N LYS B 115 -15.29 -16.77 10.05
CA LYS B 115 -14.10 -17.61 9.96
C LYS B 115 -14.15 -18.79 8.99
N ASP B 116 -15.33 -19.36 8.82
CA ASP B 116 -15.41 -20.51 7.94
C ASP B 116 -15.49 -20.11 6.48
N ASP B 117 -16.06 -18.95 6.20
CA ASP B 117 -16.14 -18.50 4.82
C ASP B 117 -14.81 -17.91 4.44
N TYR B 118 -14.08 -17.42 5.44
CA TYR B 118 -12.79 -16.82 5.17
C TYR B 118 -11.78 -17.93 4.89
N VAL B 119 -11.91 -19.05 5.59
CA VAL B 119 -10.95 -20.10 5.35
C VAL B 119 -11.26 -20.86 4.08
N LYS B 120 -12.52 -20.78 3.65
CA LYS B 120 -12.98 -21.47 2.45
C LYS B 120 -12.49 -20.77 1.18
N ALA B 121 -12.30 -19.46 1.26
CA ALA B 121 -11.86 -18.66 0.11
C ALA B 121 -10.35 -18.45 0.09
N LEU B 122 -9.69 -18.87 1.14
CA LEU B 122 -8.26 -18.70 1.27
C LEU B 122 -7.41 -19.24 0.12
N PRO B 123 -7.66 -20.47 -0.35
CA PRO B 123 -6.83 -20.98 -1.44
C PRO B 123 -6.78 -20.09 -2.69
N GLY B 124 -7.93 -19.48 -3.00
CA GLY B 124 -7.98 -18.59 -4.15
C GLY B 124 -7.08 -17.40 -3.91
N GLN B 125 -7.00 -16.95 -2.67
CA GLN B 125 -6.16 -15.80 -2.30
C GLN B 125 -4.68 -16.16 -2.22
N LEU B 126 -4.33 -17.44 -2.08
CA LEU B 126 -2.91 -17.80 -1.96
C LEU B 126 -2.27 -18.25 -3.25
N LYS B 127 -3.09 -18.66 -4.21
CA LYS B 127 -2.60 -19.15 -5.49
C LYS B 127 -1.69 -18.19 -6.28
N PRO B 128 -1.97 -16.86 -6.25
CA PRO B 128 -1.14 -15.91 -6.98
C PRO B 128 0.35 -15.99 -6.57
N PHE B 129 0.59 -16.20 -5.27
CA PHE B 129 1.97 -16.24 -4.78
C PHE B 129 2.65 -17.54 -5.20
N GLU B 130 1.85 -18.58 -5.35
CA GLU B 130 2.36 -19.88 -5.80
C GLU B 130 2.73 -19.78 -7.28
N THR B 131 1.94 -19.00 -8.03
CA THR B 131 2.19 -18.78 -9.45
C THR B 131 3.44 -17.91 -9.66
N LEU B 132 3.63 -16.92 -8.80
CA LEU B 132 4.81 -16.07 -8.91
C LEU B 132 6.08 -16.89 -8.65
N LEU B 133 6.01 -17.82 -7.71
CA LEU B 133 7.20 -18.63 -7.42
C LEU B 133 7.46 -19.60 -8.56
N SER B 134 6.40 -20.11 -9.18
CA SER B 134 6.64 -21.06 -10.26
C SER B 134 7.28 -20.38 -11.46
N GLN B 135 7.12 -19.07 -11.54
CA GLN B 135 7.70 -18.31 -12.66
C GLN B 135 9.11 -17.85 -12.39
N ASN B 136 9.57 -17.96 -11.14
CA ASN B 136 10.93 -17.54 -10.82
C ASN B 136 11.80 -18.75 -10.49
N GLN B 137 12.48 -19.26 -11.53
CA GLN B 137 13.36 -20.43 -11.41
C GLN B 137 12.82 -21.65 -10.66
N GLY B 138 11.57 -21.97 -10.92
CA GLY B 138 10.94 -23.11 -10.30
C GLY B 138 10.64 -23.00 -8.84
N GLY B 139 10.60 -21.77 -8.33
CA GLY B 139 10.30 -21.55 -6.92
C GLY B 139 11.43 -21.94 -6.00
N LYS B 140 12.60 -22.13 -6.56
CA LYS B 140 13.75 -22.56 -5.76
C LYS B 140 14.51 -21.46 -5.04
N THR B 141 14.21 -20.20 -5.37
CA THR B 141 14.91 -19.06 -4.76
C THR B 141 13.94 -18.16 -3.99
N PHE B 142 13.92 -16.87 -4.32
CA PHE B 142 13.04 -15.93 -3.64
C PHE B 142 11.83 -15.57 -4.48
N ILE B 143 10.93 -14.77 -3.92
CA ILE B 143 9.70 -14.41 -4.63
C ILE B 143 9.99 -13.60 -5.90
N VAL B 144 11.11 -12.87 -5.91
CA VAL B 144 11.52 -12.11 -7.08
C VAL B 144 13.03 -12.22 -7.22
N GLY B 145 13.48 -12.49 -8.44
CA GLY B 145 14.90 -12.62 -8.70
C GLY B 145 15.60 -13.68 -7.87
N ASP B 146 16.90 -13.51 -7.70
CA ASP B 146 17.66 -14.47 -6.94
C ASP B 146 18.29 -13.98 -5.66
N GLN B 147 17.80 -12.83 -5.16
CA GLN B 147 18.26 -12.25 -3.87
C GLN B 147 17.00 -12.01 -3.05
N ILE B 148 17.12 -11.97 -1.73
CA ILE B 148 15.96 -11.75 -0.87
C ILE B 148 15.55 -10.25 -0.99
N SER B 149 14.30 -9.93 -0.71
CA SER B 149 13.81 -8.56 -0.80
C SER B 149 12.89 -8.37 0.39
N PHE B 150 12.46 -7.13 0.65
CA PHE B 150 11.59 -6.87 1.78
C PHE B 150 10.24 -7.54 1.66
N ALA B 151 9.85 -7.87 0.43
CA ALA B 151 8.55 -8.50 0.24
C ALA B 151 8.61 -9.97 0.67
N ASP B 152 9.81 -10.58 0.65
CA ASP B 152 9.90 -11.98 1.10
C ASP B 152 9.59 -12.04 2.60
N TYR B 153 10.00 -11.02 3.36
CA TYR B 153 9.72 -11.05 4.79
C TYR B 153 8.28 -10.76 5.10
N ASN B 154 7.63 -9.96 4.27
CA ASN B 154 6.24 -9.63 4.53
C ASN B 154 5.38 -10.81 4.10
N LEU B 155 5.78 -11.48 3.01
CA LEU B 155 5.00 -12.64 2.54
C LEU B 155 5.18 -13.79 3.53
N LEU B 156 6.38 -13.92 4.08
CA LEU B 156 6.62 -15.02 5.02
C LEU B 156 5.78 -14.83 6.26
N ASP B 157 5.64 -13.58 6.71
CA ASP B 157 4.82 -13.38 7.89
C ASP B 157 3.35 -13.66 7.61
N LEU B 158 2.91 -13.29 6.42
CA LEU B 158 1.52 -13.50 6.06
C LEU B 158 1.18 -15.02 5.96
N LEU B 159 2.16 -15.81 5.52
CA LEU B 159 1.95 -17.26 5.40
C LEU B 159 1.97 -17.94 6.79
N LEU B 160 2.84 -17.45 7.68
CA LEU B 160 2.94 -18.01 9.02
C LEU B 160 1.70 -17.72 9.85
N ILE B 161 1.05 -16.57 9.67
CA ILE B 161 -0.14 -16.31 10.48
C ILE B 161 -1.39 -16.99 9.96
N HIS B 162 -1.35 -17.39 8.69
CA HIS B 162 -2.50 -18.10 8.11
C HIS B 162 -2.44 -19.59 8.46
N GLU B 163 -1.22 -20.08 8.72
CA GLU B 163 -1.06 -21.47 9.11
C GLU B 163 -1.54 -21.60 10.56
N VAL B 164 -1.57 -20.49 11.31
CA VAL B 164 -2.06 -20.54 12.67
C VAL B 164 -3.57 -20.37 12.65
N LEU B 165 -4.08 -19.69 11.62
CA LEU B 165 -5.53 -19.49 11.55
C LEU B 165 -6.23 -20.69 10.92
N ALA B 166 -5.53 -21.35 10.01
CA ALA B 166 -6.07 -22.50 9.28
C ALA B 166 -4.92 -23.45 9.03
N PRO B 167 -4.51 -24.21 10.07
CA PRO B 167 -3.41 -25.19 9.97
C PRO B 167 -3.54 -26.07 8.72
N GLY B 168 -2.43 -26.25 8.02
CA GLY B 168 -2.47 -27.05 6.82
C GLY B 168 -3.01 -26.34 5.59
N CYS B 169 -3.21 -25.02 5.66
CA CYS B 169 -3.73 -24.32 4.49
C CYS B 169 -2.67 -24.28 3.37
N LEU B 170 -1.41 -24.52 3.72
CA LEU B 170 -0.35 -24.52 2.72
C LEU B 170 -0.09 -25.88 2.08
N ASP B 171 -0.81 -26.92 2.51
CA ASP B 171 -0.60 -28.26 1.96
C ASP B 171 -0.93 -28.30 0.49
N ALA B 172 -1.85 -27.45 0.06
CA ALA B 172 -2.28 -27.40 -1.34
C ALA B 172 -1.30 -26.65 -2.23
N PHE B 173 -0.25 -26.08 -1.63
CA PHE B 173 0.72 -25.30 -2.39
C PHE B 173 2.15 -25.72 -2.13
N PRO B 174 2.64 -26.67 -2.94
CA PRO B 174 4.00 -27.19 -2.80
C PRO B 174 5.14 -26.17 -2.84
N LEU B 175 5.06 -25.17 -3.71
CA LEU B 175 6.16 -24.20 -3.77
C LEU B 175 6.14 -23.22 -2.59
N LEU B 176 4.95 -22.87 -2.10
CA LEU B 176 4.86 -21.95 -0.97
C LEU B 176 5.26 -22.68 0.32
N SER B 177 4.95 -23.98 0.38
CA SER B 177 5.29 -24.77 1.56
C SER B 177 6.80 -24.90 1.64
N ALA B 178 7.44 -25.16 0.51
CA ALA B 178 8.88 -25.30 0.54
C ALA B 178 9.55 -23.95 0.73
N TYR B 179 8.87 -22.89 0.30
CA TYR B 179 9.42 -21.52 0.42
C TYR B 179 9.41 -21.09 1.89
N VAL B 180 8.37 -21.46 2.63
CA VAL B 180 8.30 -21.09 4.03
C VAL B 180 9.35 -21.88 4.82
N GLY B 181 9.59 -23.12 4.41
CA GLY B 181 10.56 -23.93 5.11
C GLY B 181 11.94 -23.42 4.89
N ARG B 182 12.25 -23.11 3.64
CA ARG B 182 13.56 -22.63 3.30
C ARG B 182 13.86 -21.25 3.92
N LEU B 183 12.84 -20.41 4.07
CA LEU B 183 13.11 -19.08 4.60
C LEU B 183 13.22 -19.06 6.13
N SER B 184 12.44 -19.92 6.80
CA SER B 184 12.45 -20.01 8.26
C SER B 184 13.75 -20.61 8.74
N ALA B 185 14.50 -21.20 7.83
CA ALA B 185 15.75 -21.85 8.17
C ALA B 185 16.99 -20.96 8.05
N ARG B 186 16.86 -19.76 7.51
CA ARG B 186 18.02 -18.86 7.41
C ARG B 186 18.47 -18.76 8.86
N PRO B 187 19.76 -18.98 9.11
CA PRO B 187 20.27 -18.93 10.49
C PRO B 187 19.87 -17.77 11.39
N LYS B 188 20.10 -16.52 10.97
CA LYS B 188 19.74 -15.40 11.85
C LYS B 188 18.24 -15.25 12.05
N LEU B 189 17.46 -15.68 11.06
CA LEU B 189 16.01 -15.56 11.16
C LEU B 189 15.44 -16.70 11.99
N LYS B 190 16.07 -17.86 11.91
CA LYS B 190 15.58 -19.03 12.64
C LYS B 190 15.77 -18.77 14.13
N ALA B 191 16.86 -18.09 14.47
CA ALA B 191 17.14 -17.77 15.87
C ALA B 191 16.16 -16.74 16.41
N PHE B 192 15.73 -15.81 15.55
CA PHE B 192 14.81 -14.76 15.99
C PHE B 192 13.40 -15.29 16.19
N LEU B 193 12.99 -16.20 15.33
CA LEU B 193 11.63 -16.74 15.43
C LEU B 193 11.44 -17.66 16.63
N ALA B 194 12.55 -18.05 17.24
CA ALA B 194 12.50 -18.93 18.39
C ALA B 194 12.72 -18.22 19.71
N SER B 195 13.04 -16.92 19.65
CA SER B 195 13.31 -16.12 20.85
C SER B 195 12.06 -15.61 21.55
N PRO B 196 12.13 -15.44 22.88
CA PRO B 196 10.97 -14.95 23.63
C PRO B 196 10.44 -13.59 23.12
N GLU B 197 11.35 -12.80 22.58
CA GLU B 197 11.06 -11.47 22.04
C GLU B 197 10.01 -11.59 20.93
N TYR B 198 10.02 -12.72 20.23
CA TYR B 198 9.06 -12.96 19.17
C TYR B 198 7.94 -13.91 19.63
N VAL B 199 8.34 -14.99 20.30
CA VAL B 199 7.36 -15.99 20.71
C VAL B 199 6.41 -15.57 21.80
N ASN B 200 6.83 -14.62 22.63
CA ASN B 200 5.97 -14.22 23.76
C ASN B 200 4.95 -13.10 23.54
N LEU B 201 4.92 -12.57 22.32
CA LEU B 201 3.95 -11.53 21.99
C LEU B 201 2.81 -12.15 21.22
N PRO B 202 1.57 -11.75 21.52
CA PRO B 202 0.42 -12.30 20.79
C PRO B 202 0.46 -11.83 19.33
N ILE B 203 -0.19 -12.55 18.43
CA ILE B 203 -0.16 -12.14 17.02
C ILE B 203 -0.95 -10.85 16.83
N ASN B 204 -2.11 -10.75 17.48
CA ASN B 204 -3.03 -9.60 17.38
C ASN B 204 -3.38 -9.07 18.76
N GLY B 205 -4.01 -7.90 18.79
CA GLY B 205 -4.36 -7.25 20.03
C GLY B 205 -5.63 -7.63 20.78
N ASN B 206 -6.48 -8.47 20.20
CA ASN B 206 -7.71 -8.85 20.88
C ASN B 206 -7.68 -10.30 21.33
N GLY B 207 -6.52 -10.93 21.18
CA GLY B 207 -6.38 -12.32 21.56
C GLY B 207 -6.83 -13.37 20.55
N LYS B 208 -7.39 -12.98 19.41
CA LYS B 208 -7.81 -13.95 18.43
C LYS B 208 -6.66 -14.17 17.45
N GLN B 209 -6.70 -15.33 16.79
CA GLN B 209 -5.68 -15.73 15.82
C GLN B 209 -6.15 -17.00 15.15
#